data_8XGZ
#
_entry.id   8XGZ
#
_cell.length_a   77.719
_cell.length_b   77.719
_cell.length_c   141.209
_cell.angle_alpha   90.00
_cell.angle_beta   90.00
_cell.angle_gamma   90.00
#
_symmetry.space_group_name_H-M   'P 43 21 2'
#
loop_
_entity.id
_entity.type
_entity.pdbx_description
1 polymer S4
2 non-polymer "ADENOSINE-3'-5'-DIPHOSPHATE"
3 water water
#
_entity_poly.entity_id   1
_entity_poly.type   'polypeptide(L)'
_entity_poly.pdbx_seq_one_letter_code
;MATVDRYLRQPWSVVHGIPMVCAFAPNWERVDNFQSRPEDIVVATFPKSGTTWVSEIVDMILQGGDPEKCKRDAIVNRVP
MLEFAAPGEMPTGSEVLATMPSPRVVKSHLPAHILPKSFWDNGCKIIYVGRNAKDVAVSFYHFDLMNKFEQHPGTWDQYL
EAFMAGKVAYGSWFDHVRGYWERRQEHPILYLFYEDMKEDLRREITKVAQFLGQELTEVALDAIAHHTSFEAMRDNPSTN
YSTVPSHLMDHGVSPFMRKGITGDWKNHFTVAQNAHFDQYYAQKMAGTDLRFRTEI
;
_entity_poly.pdbx_strand_id   A
#
# COMPACT_ATOMS: atom_id res chain seq x y z
N ALA A 2 18.46 -12.16 13.16
CA ALA A 2 19.32 -13.29 12.83
C ALA A 2 18.53 -14.41 12.20
N THR A 3 17.49 -14.87 12.90
CA THR A 3 16.65 -15.95 12.38
C THR A 3 15.97 -15.54 11.08
N VAL A 4 15.60 -14.27 10.96
CA VAL A 4 14.90 -13.80 9.77
C VAL A 4 15.83 -13.67 8.57
N ASP A 5 17.15 -13.66 8.80
CA ASP A 5 18.10 -13.39 7.72
C ASP A 5 17.89 -14.32 6.52
N ARG A 6 17.67 -15.61 6.79
CA ARG A 6 17.51 -16.59 5.72
C ARG A 6 16.26 -16.36 4.88
N TYR A 7 15.31 -15.56 5.36
CA TYR A 7 14.13 -15.21 4.57
C TYR A 7 14.33 -13.95 3.75
N LEU A 8 15.30 -13.12 4.10
CA LEU A 8 15.52 -11.86 3.40
C LEU A 8 16.18 -12.10 2.05
N ARG A 9 15.84 -11.25 1.09
CA ARG A 9 16.46 -11.25 -0.24
C ARG A 9 16.36 -12.62 -0.92
N GLN A 10 15.27 -13.33 -0.67
CA GLN A 10 15.00 -14.59 -1.33
C GLN A 10 14.00 -14.39 -2.46
N PRO A 11 14.00 -15.30 -3.44
CA PRO A 11 12.96 -15.23 -4.49
C PRO A 11 11.56 -15.38 -3.90
N TRP A 12 10.58 -14.81 -4.61
CA TRP A 12 9.20 -14.84 -4.15
C TRP A 12 8.74 -16.28 -3.90
N SER A 13 7.98 -16.45 -2.83
CA SER A 13 7.18 -17.64 -2.66
C SER A 13 5.87 -17.42 -3.43
N VAL A 14 4.94 -18.36 -3.31
CA VAL A 14 3.63 -18.25 -3.93
C VAL A 14 2.58 -18.64 -2.90
N VAL A 15 1.57 -17.80 -2.74
CA VAL A 15 0.40 -18.14 -1.94
C VAL A 15 -0.84 -17.92 -2.79
N HIS A 16 -1.67 -18.96 -2.89
CA HIS A 16 -2.90 -18.95 -3.70
C HIS A 16 -2.65 -18.38 -5.09
N GLY A 17 -1.55 -18.81 -5.71
CA GLY A 17 -1.21 -18.37 -7.06
C GLY A 17 -0.66 -16.97 -7.17
N ILE A 18 -0.35 -16.32 -6.05
CA ILE A 18 0.13 -14.94 -6.03
C ILE A 18 1.56 -14.94 -5.52
N PRO A 19 2.51 -14.29 -6.20
CA PRO A 19 3.85 -14.15 -5.64
C PRO A 19 3.80 -13.41 -4.32
N MET A 20 4.59 -13.88 -3.36
CA MET A 20 4.53 -13.41 -1.98
C MET A 20 5.94 -13.13 -1.48
N VAL A 21 6.07 -12.09 -0.66
CA VAL A 21 7.31 -11.86 0.08
C VAL A 21 7.69 -13.13 0.82
N CYS A 22 8.95 -13.54 0.69
CA CYS A 22 9.36 -14.86 1.18
C CYS A 22 9.12 -14.99 2.68
N ALA A 23 9.47 -13.96 3.45
CA ALA A 23 9.25 -14.02 4.90
C ALA A 23 7.78 -14.08 5.27
N PHE A 24 6.89 -13.60 4.39
CA PHE A 24 5.47 -13.54 4.74
C PHE A 24 4.74 -14.85 4.50
N ALA A 25 5.25 -15.71 3.60
CA ALA A 25 4.52 -16.85 3.08
C ALA A 25 4.33 -18.01 4.06
N PRO A 26 5.33 -18.40 4.87
CA PRO A 26 5.09 -19.49 5.84
C PRO A 26 3.97 -19.12 6.78
N ASN A 27 3.24 -20.15 7.25
CA ASN A 27 2.20 -19.96 8.26
C ASN A 27 1.05 -19.11 7.72
N TRP A 28 0.71 -19.34 6.46
CA TRP A 28 -0.26 -18.47 5.79
C TRP A 28 -1.69 -18.67 6.31
N GLU A 29 -1.95 -19.77 7.04
CA GLU A 29 -3.26 -19.94 7.65
C GLU A 29 -3.55 -18.82 8.64
N ARG A 30 -2.52 -18.18 9.20
CA ARG A 30 -2.74 -17.01 10.05
C ARG A 30 -3.44 -15.89 9.28
N VAL A 31 -3.28 -15.84 7.96
CA VAL A 31 -3.93 -14.83 7.14
C VAL A 31 -5.29 -15.32 6.65
N ASP A 32 -5.34 -16.54 6.10
CA ASP A 32 -6.61 -17.08 5.61
C ASP A 32 -7.65 -17.11 6.73
N ASN A 33 -7.24 -17.46 7.94
CA ASN A 33 -8.15 -17.58 9.07
C ASN A 33 -8.19 -16.33 9.93
N PHE A 34 -7.68 -15.21 9.44
CA PHE A 34 -7.68 -13.99 10.24
C PHE A 34 -9.10 -13.62 10.62
N GLN A 35 -9.28 -13.19 11.86
CA GLN A 35 -10.59 -12.89 12.42
C GLN A 35 -10.79 -11.37 12.41
N SER A 36 -11.58 -10.89 11.46
CA SER A 36 -11.89 -9.47 11.37
C SER A 36 -13.06 -9.11 12.27
N ARG A 37 -13.21 -7.81 12.52
CA ARG A 37 -14.36 -7.22 13.18
C ARG A 37 -15.08 -6.28 12.21
N PRO A 38 -16.40 -6.21 12.26
CA PRO A 38 -17.13 -5.37 11.28
C PRO A 38 -16.71 -3.91 11.28
N GLU A 39 -16.20 -3.40 12.40
CA GLU A 39 -15.77 -2.02 12.48
C GLU A 39 -14.36 -1.81 11.93
N ASP A 40 -13.71 -2.88 11.47
CA ASP A 40 -12.36 -2.74 10.92
C ASP A 40 -12.37 -1.88 9.67
N ILE A 41 -11.34 -1.06 9.52
CA ILE A 41 -11.10 -0.29 8.32
C ILE A 41 -9.88 -0.90 7.64
N VAL A 42 -10.05 -1.32 6.39
CA VAL A 42 -8.98 -1.95 5.63
C VAL A 42 -8.45 -0.93 4.62
N VAL A 43 -7.14 -0.68 4.66
CA VAL A 43 -6.46 0.15 3.68
C VAL A 43 -5.73 -0.81 2.75
N ALA A 44 -6.31 -1.03 1.57
CA ALA A 44 -5.82 -2.02 0.61
C ALA A 44 -5.26 -1.30 -0.61
N THR A 45 -4.07 -1.71 -1.05
CA THR A 45 -3.40 -1.11 -2.19
C THR A 45 -2.53 -2.17 -2.85
N PHE A 46 -2.30 -2.01 -4.15
CA PHE A 46 -1.11 -2.61 -4.71
C PHE A 46 0.10 -1.87 -4.14
N PRO A 47 1.20 -2.57 -3.90
CA PRO A 47 2.38 -1.90 -3.31
C PRO A 47 2.73 -0.60 -4.02
N LYS A 48 3.12 0.40 -3.20
CA LYS A 48 3.66 1.68 -3.67
C LYS A 48 2.59 2.56 -4.30
N SER A 49 1.33 2.39 -3.90
CA SER A 49 0.23 3.16 -4.46
C SER A 49 -0.37 4.16 -3.49
N GLY A 50 0.24 4.36 -2.33
CA GLY A 50 -0.25 5.29 -1.34
C GLY A 50 -0.78 4.68 -0.05
N THR A 51 -0.33 3.47 0.30
CA THR A 51 -0.80 2.83 1.54
C THR A 51 -0.48 3.70 2.76
N THR A 52 0.78 4.11 2.90
CA THR A 52 1.19 4.89 4.05
C THR A 52 0.46 6.22 4.10
N TRP A 53 0.35 6.88 2.94
CA TRP A 53 -0.35 8.16 2.86
C TRP A 53 -1.76 8.06 3.41
N VAL A 54 -2.52 7.09 2.90
CA VAL A 54 -3.92 6.98 3.30
C VAL A 54 -4.03 6.48 4.74
N SER A 55 -3.11 5.60 5.15
CA SER A 55 -3.13 5.12 6.52
C SER A 55 -2.97 6.27 7.51
N GLU A 56 -2.06 7.21 7.22
CA GLU A 56 -1.88 8.35 8.11
C GLU A 56 -3.10 9.26 8.10
N ILE A 57 -3.75 9.41 6.94
CA ILE A 57 -4.97 10.20 6.87
C ILE A 57 -6.08 9.55 7.68
N VAL A 58 -6.24 8.23 7.56
CA VAL A 58 -7.28 7.54 8.32
C VAL A 58 -7.01 7.65 9.81
N ASP A 59 -5.76 7.42 10.23
CA ASP A 59 -5.41 7.54 11.64
C ASP A 59 -5.72 8.95 12.15
N MET A 60 -5.34 9.96 11.37
CA MET A 60 -5.57 11.35 11.78
C MET A 60 -7.05 11.65 11.91
N ILE A 61 -7.87 11.12 11.01
CA ILE A 61 -9.31 11.31 11.11
C ILE A 61 -9.86 10.67 12.38
N LEU A 62 -9.34 9.47 12.71
CA LEU A 62 -9.81 8.78 13.91
C LEU A 62 -9.33 9.43 15.20
N GLN A 63 -8.26 10.24 15.15
CA GLN A 63 -7.81 10.99 16.30
C GLN A 63 -8.38 12.40 16.34
N GLY A 64 -9.48 12.65 15.64
CA GLY A 64 -10.08 13.97 15.64
C GLY A 64 -9.24 15.04 14.99
N GLY A 65 -8.32 14.67 14.10
CA GLY A 65 -7.49 15.64 13.42
C GLY A 65 -6.35 16.19 14.24
N ASP A 66 -5.97 15.53 15.33
CA ASP A 66 -4.90 16.02 16.18
C ASP A 66 -3.59 15.36 15.77
N PRO A 67 -2.65 16.09 15.15
CA PRO A 67 -1.41 15.44 14.69
C PRO A 67 -0.53 14.95 15.81
N GLU A 68 -0.66 15.50 17.03
CA GLU A 68 0.15 15.00 18.14
C GLU A 68 -0.19 13.56 18.46
N LYS A 69 -1.47 13.20 18.41
CA LYS A 69 -1.87 11.82 18.67
C LYS A 69 -1.21 10.85 17.70
N CYS A 70 -0.97 11.27 16.45
CA CYS A 70 -0.42 10.33 15.49
C CYS A 70 1.07 10.10 15.68
N LYS A 71 1.74 10.91 16.48
CA LYS A 71 3.16 10.74 16.73
C LYS A 71 3.43 9.84 17.94
N ARG A 72 2.41 9.18 18.48
CA ARG A 72 2.63 8.27 19.60
C ARG A 72 3.35 6.99 19.20
N ASP A 73 3.46 6.71 17.90
CA ASP A 73 4.16 5.53 17.43
C ASP A 73 4.36 5.64 15.93
N ALA A 74 5.26 4.81 15.41
CA ALA A 74 5.49 4.76 13.98
C ALA A 74 4.24 4.25 13.27
N ILE A 75 4.05 4.69 12.02
CA ILE A 75 2.89 4.27 11.23
C ILE A 75 2.89 2.76 11.06
N VAL A 76 4.07 2.13 11.08
CA VAL A 76 4.15 0.67 10.91
C VAL A 76 3.53 -0.05 12.10
N ASN A 77 3.50 0.59 13.28
CA ASN A 77 2.87 0.02 14.45
C ASN A 77 1.43 0.50 14.62
N ARG A 78 1.14 1.74 14.26
CA ARG A 78 -0.22 2.25 14.37
C ARG A 78 -1.16 1.56 13.37
N VAL A 79 -0.66 1.22 12.18
CA VAL A 79 -1.44 0.51 11.18
C VAL A 79 -0.67 -0.74 10.77
N PRO A 80 -0.83 -1.85 11.46
CA PRO A 80 -0.08 -3.07 11.10
C PRO A 80 -0.49 -3.58 9.74
N MET A 81 0.47 -4.15 9.03
CA MET A 81 0.20 -4.80 7.76
C MET A 81 -0.27 -6.23 8.05
N LEU A 82 -1.45 -6.57 7.53
CA LEU A 82 -2.11 -7.83 7.87
C LEU A 82 -1.19 -9.02 7.66
N GLU A 83 -0.54 -9.11 6.51
CA GLU A 83 0.24 -10.27 6.13
C GLU A 83 1.71 -10.17 6.54
N PHE A 84 2.11 -9.10 7.22
CA PHE A 84 3.51 -8.94 7.58
C PHE A 84 3.96 -10.05 8.53
N ALA A 85 5.18 -10.54 8.29
CA ALA A 85 5.82 -11.48 9.19
C ALA A 85 7.32 -11.33 9.03
N ALA A 86 8.03 -11.48 10.14
CA ALA A 86 9.49 -11.55 10.15
C ALA A 86 9.84 -12.70 11.07
N PRO A 87 9.89 -13.93 10.54
CA PRO A 87 9.99 -15.12 11.41
C PRO A 87 11.15 -15.07 12.38
N GLY A 88 10.85 -15.12 13.67
CA GLY A 88 11.86 -15.12 14.70
C GLY A 88 12.37 -13.77 15.13
N GLU A 89 12.06 -12.70 14.40
CA GLU A 89 12.52 -11.37 14.73
C GLU A 89 11.43 -10.48 15.33
N MET A 90 10.20 -10.55 14.80
CA MET A 90 9.09 -9.74 15.27
C MET A 90 7.82 -10.59 15.32
N PRO A 91 6.80 -10.13 16.04
CA PRO A 91 5.48 -10.76 15.89
C PRO A 91 4.86 -10.38 14.57
N THR A 92 4.09 -11.31 14.01
CA THR A 92 3.41 -11.07 12.76
C THR A 92 2.43 -9.91 12.89
N GLY A 93 2.04 -9.36 11.73
CA GLY A 93 1.02 -8.32 11.73
C GLY A 93 -0.31 -8.83 12.27
N SER A 94 -0.64 -10.09 11.97
CA SER A 94 -1.91 -10.65 12.43
C SER A 94 -1.97 -10.74 13.95
N GLU A 95 -0.88 -11.18 14.58
CA GLU A 95 -0.85 -11.26 16.04
C GLU A 95 -0.95 -9.89 16.67
N VAL A 96 -0.25 -8.89 16.11
CA VAL A 96 -0.36 -7.53 16.61
C VAL A 96 -1.79 -7.04 16.51
N LEU A 97 -2.45 -7.29 15.38
CA LEU A 97 -3.80 -6.79 15.17
C LEU A 97 -4.79 -7.43 16.13
N ALA A 98 -4.52 -8.67 16.57
CA ALA A 98 -5.44 -9.32 17.51
C ALA A 98 -5.53 -8.56 18.82
N THR A 99 -4.47 -7.84 19.18
CA THR A 99 -4.42 -7.12 20.47
C THR A 99 -4.69 -5.66 20.27
N MET A 100 -5.41 -5.29 19.21
CA MET A 100 -5.59 -3.85 18.92
C MET A 100 -7.05 -3.47 19.12
N PRO A 101 -7.33 -2.37 19.86
CA PRO A 101 -8.71 -1.94 20.07
C PRO A 101 -9.43 -1.41 18.84
N SER A 102 -10.72 -1.67 18.74
CA SER A 102 -11.53 -1.12 17.62
C SER A 102 -11.63 0.41 17.78
N PRO A 103 -11.60 1.22 16.70
CA PRO A 103 -11.60 0.71 15.34
C PRO A 103 -10.21 0.42 14.78
N ARG A 104 -9.94 -0.86 14.51
CA ARG A 104 -8.63 -1.26 13.95
C ARG A 104 -8.44 -0.73 12.52
N VAL A 105 -7.21 -0.29 12.20
CA VAL A 105 -6.90 0.12 10.80
C VAL A 105 -5.95 -0.96 10.26
N VAL A 106 -6.38 -1.70 9.25
CA VAL A 106 -5.59 -2.82 8.75
C VAL A 106 -5.07 -2.46 7.37
N LYS A 107 -3.76 -2.51 7.20
CA LYS A 107 -3.12 -2.28 5.91
C LYS A 107 -2.81 -3.63 5.27
N SER A 108 -3.00 -3.71 3.95
CA SER A 108 -2.75 -4.96 3.24
C SER A 108 -2.53 -4.67 1.76
N HIS A 109 -1.76 -5.53 1.11
CA HIS A 109 -1.55 -5.45 -0.34
C HIS A 109 -2.15 -6.63 -1.08
N LEU A 110 -2.90 -7.49 -0.39
CA LEU A 110 -3.43 -8.70 -1.03
C LEU A 110 -4.46 -8.34 -2.09
N PRO A 111 -4.42 -9.03 -3.24
CA PRO A 111 -5.53 -8.89 -4.20
C PRO A 111 -6.85 -9.29 -3.57
N ALA A 112 -7.94 -8.77 -4.15
CA ALA A 112 -9.26 -8.92 -3.54
C ALA A 112 -9.61 -10.39 -3.31
N HIS A 113 -9.25 -11.27 -4.25
CA HIS A 113 -9.70 -12.64 -4.16
C HIS A 113 -8.94 -13.48 -3.14
N ILE A 114 -7.85 -12.97 -2.56
CA ILE A 114 -7.18 -13.69 -1.49
C ILE A 114 -7.11 -12.86 -0.21
N LEU A 115 -7.72 -11.69 -0.19
CA LEU A 115 -7.98 -11.02 1.08
C LEU A 115 -8.87 -11.92 1.92
N PRO A 116 -8.59 -12.06 3.22
CA PRO A 116 -9.30 -13.06 4.03
C PRO A 116 -10.81 -12.89 3.96
N LYS A 117 -11.49 -14.02 3.74
CA LYS A 117 -12.95 -14.11 3.65
C LYS A 117 -13.67 -13.37 4.77
N SER A 118 -13.11 -13.41 5.98
CA SER A 118 -13.72 -12.75 7.13
C SER A 118 -13.98 -11.27 6.86
N PHE A 119 -13.09 -10.62 6.11
CA PHE A 119 -13.29 -9.21 5.80
C PHE A 119 -14.52 -9.00 4.95
N TRP A 120 -14.72 -9.86 3.95
CA TRP A 120 -15.89 -9.73 3.08
C TRP A 120 -17.18 -10.08 3.83
N ASP A 121 -17.15 -11.14 4.64
CA ASP A 121 -18.36 -11.58 5.34
C ASP A 121 -18.82 -10.54 6.36
N ASN A 122 -17.89 -9.80 6.96
CA ASN A 122 -18.21 -8.79 7.96
C ASN A 122 -18.43 -7.41 7.36
N GLY A 123 -18.45 -7.30 6.04
CA GLY A 123 -18.70 -6.02 5.38
C GLY A 123 -17.76 -4.91 5.78
N CYS A 124 -16.51 -5.25 6.12
CA CYS A 124 -15.57 -4.24 6.61
C CYS A 124 -15.34 -3.15 5.56
N LYS A 125 -15.33 -1.90 6.02
CA LYS A 125 -15.09 -0.79 5.12
C LYS A 125 -13.68 -0.86 4.56
N ILE A 126 -13.57 -0.92 3.24
CA ILE A 126 -12.28 -1.01 2.55
C ILE A 126 -12.01 0.32 1.86
N ILE A 127 -10.87 0.92 2.18
CA ILE A 127 -10.37 2.07 1.44
C ILE A 127 -9.25 1.57 0.53
N TYR A 128 -9.53 1.53 -0.76
CA TYR A 128 -8.56 1.10 -1.77
C TYR A 128 -7.95 2.33 -2.44
N VAL A 129 -6.65 2.25 -2.75
CA VAL A 129 -5.93 3.33 -3.41
C VAL A 129 -5.28 2.76 -4.65
N GLY A 130 -5.62 3.31 -5.82
CA GLY A 130 -4.95 2.99 -7.05
C GLY A 130 -4.01 4.11 -7.47
N ARG A 131 -2.94 3.72 -8.15
CA ARG A 131 -1.98 4.66 -8.71
C ARG A 131 -1.61 4.16 -10.10
N ASN A 132 -1.29 5.09 -11.00
CA ASN A 132 -1.01 4.70 -12.37
C ASN A 132 0.17 3.74 -12.41
N ALA A 133 0.08 2.75 -13.29
CA ALA A 133 1.00 1.61 -13.25
C ALA A 133 2.44 2.02 -13.48
N LYS A 134 2.67 3.13 -14.19
CA LYS A 134 4.04 3.53 -14.49
C LYS A 134 4.74 4.08 -13.26
N ASP A 135 4.08 4.95 -12.51
CA ASP A 135 4.68 5.45 -11.27
C ASP A 135 4.81 4.35 -10.24
N VAL A 136 3.86 3.41 -10.21
CA VAL A 136 3.95 2.30 -9.27
C VAL A 136 5.18 1.46 -9.57
N ALA A 137 5.42 1.18 -10.86
CA ALA A 137 6.54 0.33 -11.24
C ALA A 137 7.88 0.98 -10.90
N VAL A 138 7.99 2.30 -11.07
CA VAL A 138 9.22 2.99 -10.66
C VAL A 138 9.38 2.91 -9.15
N SER A 139 8.33 3.26 -8.42
CA SER A 139 8.39 3.24 -6.95
C SER A 139 8.64 1.84 -6.43
N PHE A 140 8.00 0.82 -7.03
CA PHE A 140 8.21 -0.54 -6.56
C PHE A 140 9.64 -1.00 -6.84
N TYR A 141 10.19 -0.61 -8.00
CA TYR A 141 11.56 -0.99 -8.32
C TYR A 141 12.54 -0.44 -7.28
N HIS A 142 12.42 0.85 -6.95
CA HIS A 142 13.35 1.45 -6.01
C HIS A 142 13.13 0.91 -4.60
N PHE A 143 11.87 0.67 -4.23
CA PHE A 143 11.56 0.04 -2.95
C PHE A 143 12.28 -1.30 -2.82
N ASP A 144 12.30 -2.09 -3.91
CA ASP A 144 12.90 -3.42 -3.84
C ASP A 144 14.42 -3.35 -3.73
N LEU A 145 15.03 -2.32 -4.32
CA LEU A 145 16.47 -2.13 -4.16
C LEU A 145 16.85 -1.93 -2.71
N MET A 146 15.95 -1.33 -1.92
CA MET A 146 16.28 -0.93 -0.56
C MET A 146 15.64 -1.81 0.51
N ASN A 147 14.54 -2.48 0.20
CA ASN A 147 13.85 -3.33 1.18
C ASN A 147 14.37 -4.76 1.06
N LYS A 148 15.03 -5.24 2.11
CA LYS A 148 15.67 -6.54 2.08
C LYS A 148 14.68 -7.70 2.19
N PHE A 149 13.39 -7.43 2.44
CA PHE A 149 12.41 -8.50 2.38
C PHE A 149 12.18 -8.96 0.95
N GLU A 150 12.59 -8.16 -0.03
CA GLU A 150 12.28 -8.40 -1.42
C GLU A 150 13.41 -9.16 -2.11
N GLN A 151 13.01 -9.89 -3.14
CA GLN A 151 14.01 -10.51 -4.02
C GLN A 151 14.64 -9.32 -4.76
N HIS A 152 15.95 -9.33 -4.90
CA HIS A 152 16.63 -8.22 -5.55
C HIS A 152 16.08 -8.03 -6.95
N PRO A 153 15.78 -6.80 -7.37
CA PRO A 153 15.09 -6.59 -8.66
C PRO A 153 16.00 -6.63 -9.87
N GLY A 154 17.33 -6.71 -9.69
CA GLY A 154 18.19 -6.65 -10.85
C GLY A 154 18.12 -5.27 -11.51
N THR A 155 18.26 -5.26 -12.82
CA THR A 155 18.19 -4.00 -13.55
C THR A 155 16.75 -3.57 -13.76
N TRP A 156 16.59 -2.27 -14.01
CA TRP A 156 15.26 -1.70 -14.17
C TRP A 156 14.51 -2.33 -15.34
N ASP A 157 15.20 -2.57 -16.45
CA ASP A 157 14.52 -3.10 -17.62
C ASP A 157 14.00 -4.52 -17.38
N GLN A 158 14.76 -5.35 -16.67
CA GLN A 158 14.29 -6.69 -16.35
C GLN A 158 13.17 -6.65 -15.32
N TYR A 159 13.28 -5.75 -14.34
CA TYR A 159 12.21 -5.59 -13.37
C TYR A 159 10.91 -5.18 -14.06
N LEU A 160 10.99 -4.18 -14.94
CA LEU A 160 9.80 -3.72 -15.63
C LEU A 160 9.12 -4.87 -16.38
N GLU A 161 9.92 -5.78 -16.94
CA GLU A 161 9.34 -6.94 -17.62
C GLU A 161 8.63 -7.85 -16.64
N ALA A 162 9.25 -8.09 -15.48
CA ALA A 162 8.58 -8.85 -14.44
C ALA A 162 7.30 -8.15 -13.98
N PHE A 163 7.34 -6.82 -13.87
CA PHE A 163 6.18 -6.07 -13.40
C PHE A 163 5.00 -6.21 -14.36
N MET A 164 5.23 -5.98 -15.66
CA MET A 164 4.15 -6.12 -16.62
C MET A 164 3.59 -7.53 -16.66
N ALA A 165 4.41 -8.53 -16.39
CA ALA A 165 3.94 -9.91 -16.42
C ALA A 165 3.25 -10.32 -15.12
N GLY A 166 3.22 -9.45 -14.12
CA GLY A 166 2.67 -9.84 -12.84
C GLY A 166 3.54 -10.77 -12.03
N LYS A 167 4.84 -10.80 -12.28
CA LYS A 167 5.77 -11.69 -11.59
C LYS A 167 6.46 -11.02 -10.41
N VAL A 168 5.90 -9.94 -9.88
CA VAL A 168 6.45 -9.29 -8.71
C VAL A 168 5.59 -9.61 -7.50
N ALA A 169 6.08 -9.26 -6.32
CA ALA A 169 5.33 -9.48 -5.09
C ALA A 169 3.93 -8.92 -5.21
N TYR A 170 2.94 -9.76 -4.91
CA TYR A 170 1.50 -9.50 -4.94
C TYR A 170 0.93 -9.56 -6.35
N GLY A 171 1.74 -9.90 -7.35
CA GLY A 171 1.20 -10.28 -8.65
C GLY A 171 0.90 -9.14 -9.60
N SER A 172 -0.11 -9.36 -10.45
CA SER A 172 -0.42 -8.43 -11.52
C SER A 172 -1.05 -7.16 -10.96
N TRP A 173 -0.47 -6.02 -11.32
CA TRP A 173 -1.09 -4.73 -11.00
C TRP A 173 -2.44 -4.60 -11.70
N PHE A 174 -2.54 -5.12 -12.92
CA PHE A 174 -3.79 -5.03 -13.67
C PHE A 174 -4.92 -5.77 -12.97
N ASP A 175 -4.64 -6.99 -12.49
CA ASP A 175 -5.67 -7.74 -11.78
C ASP A 175 -5.97 -7.12 -10.42
N HIS A 176 -4.96 -6.51 -9.80
CA HIS A 176 -5.14 -5.93 -8.47
C HIS A 176 -6.11 -4.75 -8.52
N VAL A 177 -5.79 -3.74 -9.34
CA VAL A 177 -6.63 -2.54 -9.38
C VAL A 177 -8.03 -2.87 -9.90
N ARG A 178 -8.11 -3.78 -10.87
CA ARG A 178 -9.41 -4.14 -11.42
C ARG A 178 -10.22 -5.01 -10.47
N GLY A 179 -9.54 -5.85 -9.67
CA GLY A 179 -10.26 -6.71 -8.74
C GLY A 179 -11.08 -5.94 -7.73
N TYR A 180 -10.50 -4.88 -7.16
CA TYR A 180 -11.22 -4.11 -6.16
C TYR A 180 -12.22 -3.15 -6.77
N TRP A 181 -11.93 -2.65 -7.98
CA TRP A 181 -12.89 -1.82 -8.69
C TRP A 181 -14.20 -2.57 -8.92
N GLU A 182 -14.11 -3.87 -9.18
CA GLU A 182 -15.32 -4.65 -9.45
C GLU A 182 -15.98 -5.14 -8.17
N ARG A 183 -15.18 -5.49 -7.15
CA ARG A 183 -15.74 -6.02 -5.92
C ARG A 183 -16.61 -5.01 -5.17
N ARG A 184 -16.54 -3.72 -5.53
CA ARG A 184 -17.37 -2.72 -4.89
C ARG A 184 -18.85 -2.90 -5.18
N GLN A 185 -19.21 -3.70 -6.19
CA GLN A 185 -20.61 -4.01 -6.45
C GLN A 185 -21.23 -4.86 -5.35
N GLU A 186 -20.39 -5.50 -4.52
CA GLU A 186 -20.87 -6.40 -3.48
C GLU A 186 -20.33 -6.05 -2.11
N HIS A 187 -19.65 -4.91 -1.96
CA HIS A 187 -18.96 -4.62 -0.71
C HIS A 187 -18.72 -3.12 -0.59
N PRO A 188 -18.81 -2.55 0.61
CA PRO A 188 -18.51 -1.12 0.77
C PRO A 188 -17.04 -0.82 0.55
N ILE A 189 -16.71 -0.23 -0.59
CA ILE A 189 -15.34 0.08 -0.97
C ILE A 189 -15.27 1.53 -1.39
N LEU A 190 -14.34 2.28 -0.79
CA LEU A 190 -13.99 3.62 -1.26
C LEU A 190 -12.73 3.50 -2.11
N TYR A 191 -12.86 3.74 -3.40
CA TYR A 191 -11.78 3.54 -4.36
C TYR A 191 -11.14 4.89 -4.64
N LEU A 192 -9.96 5.12 -4.09
CA LEU A 192 -9.24 6.37 -4.25
C LEU A 192 -8.15 6.24 -5.32
N PHE A 193 -7.66 7.40 -5.75
CA PHE A 193 -6.63 7.49 -6.77
C PHE A 193 -5.51 8.38 -6.24
N TYR A 194 -4.29 7.85 -6.22
CA TYR A 194 -3.13 8.60 -5.76
C TYR A 194 -3.04 9.95 -6.48
N GLU A 195 -3.32 9.97 -7.77
CA GLU A 195 -3.24 11.22 -8.54
C GLU A 195 -4.31 12.21 -8.10
N ASP A 196 -5.49 11.72 -7.72
CA ASP A 196 -6.51 12.63 -7.18
C ASP A 196 -6.03 13.28 -5.89
N MET A 197 -5.20 12.56 -5.13
CA MET A 197 -4.73 13.09 -3.86
C MET A 197 -3.62 14.13 -4.04
N LYS A 198 -2.75 13.92 -5.02
CA LYS A 198 -1.75 14.96 -5.33
C LYS A 198 -2.43 16.21 -5.85
N GLU A 199 -3.50 16.04 -6.61
CA GLU A 199 -4.19 17.18 -7.22
C GLU A 199 -4.91 18.03 -6.20
N ASP A 200 -5.58 17.38 -5.23
CA ASP A 200 -6.46 18.09 -4.30
C ASP A 200 -6.60 17.22 -3.06
N LEU A 201 -5.71 17.42 -2.09
CA LEU A 201 -5.63 16.53 -0.94
C LEU A 201 -6.84 16.70 -0.01
N ARG A 202 -7.25 17.94 0.27
CA ARG A 202 -8.40 18.14 1.16
C ARG A 202 -9.65 17.48 0.61
N ARG A 203 -9.83 17.51 -0.71
CA ARG A 203 -11.04 16.91 -1.30
C ARG A 203 -11.08 15.41 -1.05
N GLU A 204 -9.91 14.76 -1.09
CA GLU A 204 -9.87 13.31 -0.86
C GLU A 204 -9.95 12.96 0.63
N ILE A 205 -9.36 13.80 1.50
CA ILE A 205 -9.53 13.59 2.94
C ILE A 205 -11.01 13.68 3.31
N THR A 206 -11.71 14.65 2.72
CA THR A 206 -13.14 14.79 2.96
C THR A 206 -13.90 13.52 2.57
N LYS A 207 -13.53 12.91 1.44
CA LYS A 207 -14.20 11.69 1.01
C LYS A 207 -13.90 10.53 1.97
N VAL A 208 -12.67 10.45 2.47
CA VAL A 208 -12.35 9.42 3.45
C VAL A 208 -13.13 9.63 4.73
N ALA A 209 -13.23 10.89 5.18
CA ALA A 209 -13.95 11.20 6.42
C ALA A 209 -15.42 10.81 6.32
N GLN A 210 -16.03 11.14 5.18
CA GLN A 210 -17.47 10.82 4.98
C GLN A 210 -17.66 9.29 4.97
N PHE A 211 -16.81 8.58 4.24
CA PHE A 211 -16.89 7.13 4.18
C PHE A 211 -16.80 6.51 5.57
N LEU A 212 -15.94 7.06 6.42
CA LEU A 212 -15.79 6.59 7.79
C LEU A 212 -16.85 7.15 8.74
N GLY A 213 -17.81 7.92 8.23
CA GLY A 213 -18.83 8.49 9.08
C GLY A 213 -18.34 9.56 10.04
N GLN A 214 -17.21 10.18 9.76
CA GLN A 214 -16.62 11.17 10.65
C GLN A 214 -16.85 12.57 10.13
N GLU A 215 -17.07 13.50 11.05
CA GLU A 215 -17.34 14.89 10.74
C GLU A 215 -16.16 15.73 11.18
N LEU A 216 -15.60 16.50 10.26
CA LEU A 216 -14.39 17.29 10.51
C LEU A 216 -14.74 18.77 10.47
N THR A 217 -14.32 19.51 11.49
CA THR A 217 -14.31 20.96 11.37
C THR A 217 -13.35 21.36 10.26
N GLU A 218 -13.54 22.58 9.75
CA GLU A 218 -12.60 23.07 8.75
C GLU A 218 -11.18 23.14 9.32
N VAL A 219 -11.04 23.35 10.63
CA VAL A 219 -9.71 23.38 11.24
C VAL A 219 -9.07 21.99 11.21
N ALA A 220 -9.83 20.97 11.64
CA ALA A 220 -9.31 19.61 11.60
C ALA A 220 -8.89 19.22 10.19
N LEU A 221 -9.73 19.52 9.20
CA LEU A 221 -9.42 19.20 7.81
C LEU A 221 -8.13 19.85 7.36
N ASP A 222 -8.00 21.18 7.60
CA ASP A 222 -6.75 21.85 7.23
C ASP A 222 -5.56 21.26 7.97
N ALA A 223 -5.74 20.93 9.25
CA ALA A 223 -4.64 20.31 10.00
C ALA A 223 -4.25 18.96 9.40
N ILE A 224 -5.23 18.19 8.93
CA ILE A 224 -4.91 16.90 8.33
C ILE A 224 -4.25 17.09 6.98
N ALA A 225 -4.74 18.04 6.18
CA ALA A 225 -4.09 18.34 4.91
C ALA A 225 -2.66 18.81 5.13
N HIS A 226 -2.43 19.63 6.15
CA HIS A 226 -1.09 20.17 6.39
C HIS A 226 -0.10 19.07 6.73
N HIS A 227 -0.49 18.13 7.59
CA HIS A 227 0.42 17.11 8.09
C HIS A 227 0.50 15.88 7.20
N THR A 228 -0.32 15.76 6.16
CA THR A 228 -0.23 14.64 5.24
C THR A 228 0.29 15.06 3.87
N SER A 229 0.88 16.24 3.77
CA SER A 229 1.68 16.57 2.61
C SER A 229 2.88 15.64 2.55
N PHE A 230 3.43 15.47 1.34
CA PHE A 230 4.61 14.63 1.20
C PHE A 230 5.77 15.17 2.01
N GLU A 231 5.90 16.50 2.09
CA GLU A 231 7.00 17.10 2.84
C GLU A 231 6.81 16.92 4.34
N ALA A 232 5.57 17.06 4.82
CA ALA A 232 5.30 16.82 6.24
C ALA A 232 5.61 15.37 6.61
N MET A 233 5.34 14.44 5.70
CA MET A 233 5.47 13.02 5.99
C MET A 233 6.86 12.47 5.71
N ARG A 234 7.63 13.13 4.83
CA ARG A 234 9.01 12.71 4.63
C ARG A 234 9.88 13.07 5.83
N ASP A 235 9.60 14.20 6.48
CA ASP A 235 10.38 14.65 7.63
C ASP A 235 9.84 14.13 8.95
N ASN A 236 8.64 13.57 8.97
CA ASN A 236 8.08 13.02 10.19
C ASN A 236 8.65 11.63 10.42
N PRO A 237 9.40 11.41 11.50
CA PRO A 237 9.95 10.06 11.75
C PRO A 237 8.87 9.03 12.02
N SER A 238 7.65 9.46 12.35
CA SER A 238 6.54 8.55 12.60
C SER A 238 5.91 8.00 11.33
N THR A 239 6.22 8.58 10.17
CA THR A 239 5.65 8.12 8.90
C THR A 239 6.67 7.80 7.82
N ASN A 240 7.93 8.23 7.94
CA ASN A 240 8.90 8.11 6.87
C ASN A 240 9.73 6.82 6.94
N TYR A 241 9.47 5.94 7.92
CA TYR A 241 10.10 4.64 8.08
C TYR A 241 11.57 4.73 8.43
N SER A 242 12.07 5.89 8.85
CA SER A 242 13.46 6.00 9.27
C SER A 242 13.74 5.23 10.57
N THR A 243 12.71 4.73 11.25
CA THR A 243 12.89 3.94 12.47
C THR A 243 13.01 2.44 12.19
N VAL A 244 12.90 2.03 10.93
CA VAL A 244 13.11 0.63 10.57
C VAL A 244 14.62 0.37 10.52
N PRO A 245 15.12 -0.68 11.18
CA PRO A 245 16.56 -0.93 11.16
C PRO A 245 17.09 -1.10 9.75
N SER A 246 18.29 -0.54 9.50
CA SER A 246 18.87 -0.55 8.17
C SER A 246 19.12 -1.97 7.67
N HIS A 247 19.15 -2.93 8.58
CA HIS A 247 19.31 -4.33 8.21
C HIS A 247 18.11 -4.84 7.42
N LEU A 248 16.94 -4.22 7.59
CA LEU A 248 15.74 -4.58 6.84
C LEU A 248 15.42 -3.60 5.70
N MET A 249 15.58 -2.31 5.94
CA MET A 249 15.37 -1.27 4.94
C MET A 249 16.63 -0.45 4.81
N ASP A 250 17.31 -0.54 3.66
CA ASP A 250 18.55 0.19 3.43
C ASP A 250 18.18 1.58 2.93
N HIS A 251 17.99 2.51 3.86
CA HIS A 251 17.54 3.85 3.50
C HIS A 251 18.55 4.61 2.65
N GLY A 252 19.81 4.20 2.65
CA GLY A 252 20.80 4.86 1.81
C GLY A 252 20.60 4.56 0.34
N VAL A 253 20.21 3.34 0.01
CA VAL A 253 19.99 2.96 -1.39
C VAL A 253 18.83 3.78 -1.98
N SER A 254 17.73 3.85 -1.25
CA SER A 254 16.55 4.58 -1.68
C SER A 254 15.66 4.86 -0.48
N PRO A 255 15.33 6.11 -0.19
CA PRO A 255 14.47 6.38 0.95
C PRO A 255 13.04 5.95 0.67
N PHE A 256 12.30 5.63 1.74
CA PHE A 256 10.90 5.26 1.56
C PHE A 256 10.11 6.43 0.98
N MET A 257 10.28 7.62 1.56
CA MET A 257 9.68 8.85 1.03
C MET A 257 10.59 9.35 -0.09
N ARG A 258 10.40 8.79 -1.28
CA ARG A 258 11.33 8.96 -2.38
C ARG A 258 11.14 10.29 -3.09
N LYS A 259 10.14 10.38 -3.95
CA LYS A 259 9.82 11.61 -4.66
C LYS A 259 8.41 12.12 -4.37
N GLY A 260 7.46 11.23 -4.19
CA GLY A 260 6.11 11.61 -3.81
C GLY A 260 5.37 12.43 -4.83
N ILE A 261 5.67 12.25 -6.12
CA ILE A 261 5.05 13.02 -7.17
C ILE A 261 4.32 12.08 -8.13
N THR A 262 3.51 12.67 -8.99
CA THR A 262 2.95 11.98 -10.15
C THR A 262 3.72 12.40 -11.39
N GLY A 263 4.21 11.43 -12.15
CA GLY A 263 4.95 11.70 -13.36
C GLY A 263 6.42 11.32 -13.32
N ASP A 264 6.92 10.84 -12.17
CA ASP A 264 8.32 10.43 -12.10
C ASP A 264 8.66 9.32 -13.09
N TRP A 265 7.65 8.61 -13.60
CA TRP A 265 7.92 7.56 -14.58
C TRP A 265 8.62 8.09 -15.83
N LYS A 266 8.41 9.38 -16.15
CA LYS A 266 9.08 9.96 -17.30
C LYS A 266 10.60 10.02 -17.13
N ASN A 267 11.09 10.03 -15.89
CA ASN A 267 12.53 10.06 -15.64
C ASN A 267 13.16 8.69 -15.59
N HIS A 268 12.39 7.63 -15.85
CA HIS A 268 12.91 6.28 -15.77
C HIS A 268 12.54 5.42 -16.96
N PHE A 269 11.32 5.56 -17.49
CA PHE A 269 10.93 4.81 -18.67
C PHE A 269 11.70 5.33 -19.87
N THR A 270 12.43 4.44 -20.55
CA THR A 270 13.02 4.83 -21.82
C THR A 270 11.91 5.04 -22.85
N VAL A 271 12.28 5.64 -23.98
CA VAL A 271 11.32 5.86 -25.05
C VAL A 271 10.73 4.54 -25.51
N ALA A 272 11.59 3.52 -25.66
CA ALA A 272 11.11 2.21 -26.10
C ALA A 272 10.28 1.53 -25.03
N GLN A 273 10.72 1.59 -23.77
CA GLN A 273 9.93 1.01 -22.68
C GLN A 273 8.54 1.62 -22.63
N ASN A 274 8.44 2.94 -22.78
CA ASN A 274 7.14 3.60 -22.72
C ASN A 274 6.24 3.18 -23.88
N ALA A 275 6.82 2.95 -25.06
CA ALA A 275 6.03 2.52 -26.20
C ALA A 275 5.50 1.10 -25.99
N HIS A 276 6.36 0.19 -25.56
CA HIS A 276 5.94 -1.19 -25.33
C HIS A 276 4.95 -1.28 -24.17
N PHE A 277 5.20 -0.54 -23.10
CA PHE A 277 4.29 -0.56 -21.95
C PHE A 277 2.91 -0.06 -22.35
N ASP A 278 2.85 0.98 -23.17
CA ASP A 278 1.56 1.57 -23.52
C ASP A 278 0.72 0.64 -24.38
N GLN A 279 1.34 -0.09 -25.31
CA GLN A 279 0.55 -1.05 -26.08
C GLN A 279 0.03 -2.18 -25.20
N TYR A 280 0.92 -2.75 -24.37
CA TYR A 280 0.49 -3.81 -23.48
C TYR A 280 -0.59 -3.33 -22.53
N TYR A 281 -0.43 -2.12 -21.99
CA TYR A 281 -1.42 -1.57 -21.06
C TYR A 281 -2.77 -1.42 -21.73
N ALA A 282 -2.80 -0.90 -22.97
CA ALA A 282 -4.06 -0.74 -23.66
C ALA A 282 -4.73 -2.09 -23.89
N GLN A 283 -3.93 -3.09 -24.26
CA GLN A 283 -4.44 -4.45 -24.41
C GLN A 283 -5.00 -4.96 -23.09
N LYS A 284 -4.21 -4.86 -22.02
CA LYS A 284 -4.58 -5.49 -20.76
C LYS A 284 -5.70 -4.74 -20.04
N MET A 285 -5.81 -3.43 -20.25
CA MET A 285 -6.85 -2.63 -19.62
C MET A 285 -8.07 -2.46 -20.51
N ALA A 286 -8.19 -3.26 -21.56
CA ALA A 286 -9.36 -3.20 -22.43
C ALA A 286 -10.56 -3.81 -21.71
N GLY A 287 -11.73 -3.20 -21.88
CA GLY A 287 -12.95 -3.75 -21.32
C GLY A 287 -13.25 -3.34 -19.91
N THR A 288 -12.56 -2.33 -19.37
CA THR A 288 -12.86 -1.79 -18.05
C THR A 288 -13.06 -0.29 -18.18
N ASP A 289 -13.97 0.26 -17.37
CA ASP A 289 -14.15 1.71 -17.30
C ASP A 289 -13.19 2.36 -16.31
N LEU A 290 -12.36 1.55 -15.64
CA LEU A 290 -11.39 2.08 -14.68
C LEU A 290 -10.25 2.77 -15.42
N ARG A 291 -10.01 4.02 -15.07
CA ARG A 291 -9.07 4.88 -15.76
C ARG A 291 -8.07 5.44 -14.76
N PHE A 292 -6.79 5.46 -15.14
CA PHE A 292 -5.76 6.11 -14.34
C PHE A 292 -5.14 7.24 -15.15
N ARG A 293 -4.64 8.23 -14.42
CA ARG A 293 -3.94 9.35 -15.01
C ARG A 293 -2.45 9.19 -14.75
N THR A 294 -1.65 9.32 -15.79
CA THR A 294 -0.19 9.25 -15.66
C THR A 294 0.45 10.62 -15.54
N GLU A 295 -0.33 11.70 -15.65
CA GLU A 295 0.18 13.03 -15.36
C GLU A 295 -0.98 13.91 -14.92
N ILE A 296 -0.68 14.86 -14.04
CA ILE A 296 -1.65 15.86 -13.61
C ILE A 296 -1.00 17.24 -13.72
#